data_8EGS
#
_entry.id   8EGS
#
loop_
_entity.id
_entity.type
_entity.pdbx_description
1 polymer 'Lower collar protein'
2 polymer 'Major tail protein'
#
loop_
_entity_poly.entity_id
_entity_poly.type
_entity_poly.pdbx_seq_one_letter_code
_entity_poly.pdbx_strand_id
1 'polypeptide(L)'
;MQKMLYFDDDVKQIVDHMFFKGFMFNDERIDRYFKESFTLRFLYREIGRQTVESFASQVLYITMTHEDYIYRVYGSDMYK
YIEQVTDTQSQDLGKAIENAIEQGQTKDRQQDKGHEEYKDYEDTITKSFDDNRTAESTLPQSKVNIDVDNTVLDYADTNT
ISRDKNTSETVSEKTGTKDNTFDSLRNGESDTKRNTQSQNEMNRTGLTKQYLIDNLQKLYSMRDTIFKTYDKECFLHIW
;
J,I
2 'polypeptide(L)'
;MADRKLTHFKFFYNTPLTDYQNTIHFSSNNERDNYFLNENHFNAIDYKNIPFNFIRDRNMVNLEQMSWQDAQGINYCTFK
SDFENRRYYAFVNQIEYVNDHVTRMYLVIDTVMTYTQGNVLSTVQNAFVERQHLPRDVYNYLLPSLRNNDDVIKASNKYY
LNNYLEQFGGNLVLFQSSADLSKKFGTKKEPNLESSKGITYDYITSPVNLYVMNREDFNNFMDKMSKYPWITQNFQKIIL
IPATFINKDDLEAVKTQEDIKGLMTLKNDKLSNEWELKELRVPFERLQYMLNSNQDELKHLVRNEYLTIEIYSWNGDSLL
LDAGKITERTGVKLKTKSIIGYHNEVRIYPVDYNSAPNEKPIKASDNSILIDTGSFLNTAITFDSFAEVPILIDNGLLAQ
SQQANKQKNAQSNLISNRINNVVNGNDLKSRFYDAVSIGSNLSPTALFSKFNDEYNYYKELRAEYKDLALQPPTVTSSQM
GNAFQIANSINGLTMKIGVPAPFDMDNIQRYYFMLGFETNDQAGTPFPIDSWTVCNYLRMRGTYTIDGIDPMLLEQLKVL
LETGVRFWHNDGTNNPMAQNVFKNKFRK
;
Y
#
# COMPACT_ATOMS: atom_id res chain seq x y z
N SER A 137 -32.88 -41.57 -35.64
CA SER A 137 -33.73 -42.06 -34.56
C SER A 137 -34.46 -40.91 -33.87
N THR A 138 -33.71 -39.99 -33.28
CA THR A 138 -34.31 -38.88 -32.58
C THR A 138 -35.02 -37.95 -33.56
N LEU A 139 -36.13 -37.36 -33.10
CA LEU A 139 -36.97 -36.51 -33.92
C LEU A 139 -37.12 -35.14 -33.28
N PRO A 140 -37.05 -34.06 -34.06
CA PRO A 140 -37.28 -32.73 -33.49
C PRO A 140 -38.76 -32.41 -33.40
N GLN A 141 -39.09 -31.47 -32.51
CA GLN A 141 -40.47 -31.07 -32.30
C GLN A 141 -40.81 -29.87 -33.19
N SER A 142 -40.89 -30.14 -34.49
CA SER A 142 -41.11 -29.11 -35.49
C SER A 142 -42.13 -29.57 -36.52
N LYS A 143 -43.11 -30.36 -36.08
CA LYS A 143 -44.17 -30.87 -36.95
C LYS A 143 -43.58 -31.44 -38.24
N VAL A 144 -42.67 -32.39 -38.09
CA VAL A 144 -42.07 -33.08 -39.24
C VAL A 144 -42.96 -34.23 -39.66
N ASN A 145 -43.71 -34.05 -40.75
CA ASN A 145 -44.60 -35.08 -41.25
C ASN A 145 -43.80 -36.35 -41.55
N ILE A 146 -44.09 -37.42 -40.81
CA ILE A 146 -43.38 -38.69 -40.93
C ILE A 146 -44.37 -39.74 -41.42
N ASP A 147 -43.99 -40.46 -42.47
CA ASP A 147 -44.78 -41.55 -43.01
C ASP A 147 -44.04 -42.85 -42.70
N VAL A 148 -44.70 -43.74 -41.95
CA VAL A 148 -44.04 -44.95 -41.51
C VAL A 148 -43.64 -45.82 -42.70
N ASP A 149 -44.47 -45.85 -43.74
CA ASP A 149 -44.27 -46.79 -44.82
C ASP A 149 -42.96 -46.54 -45.56
N ASN A 150 -42.71 -45.28 -45.95
CA ASN A 150 -41.61 -44.97 -46.86
C ASN A 150 -40.58 -43.99 -46.32
N THR A 151 -40.85 -43.31 -45.20
CA THR A 151 -39.93 -42.28 -44.73
C THR A 151 -38.55 -42.85 -44.47
N VAL A 152 -37.53 -42.15 -44.94
CA VAL A 152 -36.13 -42.49 -44.68
C VAL A 152 -35.44 -41.24 -44.15
N LEU A 153 -34.74 -41.38 -43.04
CA LEU A 153 -34.12 -40.26 -42.34
C LEU A 153 -32.61 -40.33 -42.52
N ASP A 154 -32.01 -39.22 -42.95
CA ASP A 154 -30.56 -39.20 -43.17
C ASP A 154 -29.80 -39.16 -41.84
N TYR A 155 -30.25 -38.32 -40.90
CA TYR A 155 -29.52 -38.16 -39.66
C TYR A 155 -29.85 -39.28 -38.67
N ALA A 156 -28.94 -39.52 -37.75
CA ALA A 156 -29.12 -40.53 -36.72
C ALA A 156 -30.32 -40.17 -35.85
N SER B 137 -23.89 -46.70 -35.30
CA SER B 137 -22.81 -46.41 -34.36
C SER B 137 -23.20 -45.26 -33.42
N THR B 138 -22.27 -44.80 -32.59
CA THR B 138 -22.61 -43.83 -31.56
C THR B 138 -22.83 -42.44 -32.14
N LEU B 139 -21.99 -42.01 -33.09
CA LEU B 139 -22.08 -40.67 -33.65
C LEU B 139 -21.96 -40.73 -35.17
N PRO B 140 -22.99 -41.19 -35.88
CA PRO B 140 -23.01 -41.01 -37.33
C PRO B 140 -23.69 -39.72 -37.76
N GLN B 141 -22.93 -38.82 -38.40
CA GLN B 141 -23.47 -37.50 -38.71
C GLN B 141 -24.43 -37.56 -39.90
N SER B 142 -23.93 -37.98 -41.07
CA SER B 142 -24.77 -38.06 -42.26
C SER B 142 -24.59 -39.38 -42.99
N LYS B 143 -23.45 -40.04 -42.76
CA LYS B 143 -23.14 -41.30 -43.45
C LYS B 143 -23.71 -42.47 -42.64
N VAL B 144 -25.02 -42.62 -42.73
CA VAL B 144 -25.70 -43.72 -42.07
C VAL B 144 -25.77 -44.90 -43.02
N ASN B 145 -25.33 -46.07 -42.55
CA ASN B 145 -25.26 -47.27 -43.39
C ASN B 145 -26.62 -47.99 -43.39
N ILE B 146 -27.63 -47.30 -43.91
CA ILE B 146 -28.95 -47.90 -44.02
C ILE B 146 -28.97 -48.96 -45.11
N ASP B 147 -28.33 -48.69 -46.25
CA ASP B 147 -28.42 -49.60 -47.38
C ASP B 147 -27.81 -50.95 -47.02
N VAL B 148 -28.41 -52.02 -47.55
CA VAL B 148 -27.95 -53.37 -47.22
C VAL B 148 -26.64 -53.67 -47.93
N ASP B 149 -26.46 -53.15 -49.14
CA ASP B 149 -25.29 -53.51 -49.94
C ASP B 149 -23.99 -53.11 -49.23
N ASN B 150 -23.92 -51.89 -48.72
CA ASN B 150 -22.72 -51.44 -48.03
C ASN B 150 -22.49 -52.28 -46.77
N THR B 151 -21.25 -52.69 -46.56
CA THR B 151 -20.89 -53.52 -45.42
C THR B 151 -19.75 -52.93 -44.59
N VAL B 152 -19.31 -51.72 -44.91
CA VAL B 152 -18.24 -51.06 -44.19
C VAL B 152 -18.74 -49.71 -43.71
N LEU B 153 -18.49 -49.40 -42.43
CA LEU B 153 -18.86 -48.13 -41.83
C LEU B 153 -17.58 -47.46 -41.36
N ASP B 154 -17.33 -46.26 -41.88
CA ASP B 154 -16.07 -45.57 -41.60
C ASP B 154 -16.19 -44.70 -40.35
N TYR B 155 -15.10 -44.63 -39.60
CA TYR B 155 -15.01 -43.77 -38.41
C TYR B 155 -16.13 -44.10 -37.43
N ALA B 156 -16.10 -45.32 -36.90
CA ALA B 156 -17.08 -45.74 -35.91
C ALA B 156 -16.64 -47.00 -35.21
N ASP C 3 -20.47 -32.81 -46.23
CA ASP C 3 -20.41 -34.23 -45.93
C ASP C 3 -20.31 -34.45 -44.42
N ARG C 4 -19.25 -35.13 -43.96
CA ARG C 4 -19.04 -35.39 -42.54
C ARG C 4 -17.90 -34.51 -42.04
N LYS C 5 -18.11 -33.86 -40.90
CA LYS C 5 -17.11 -32.94 -40.37
C LYS C 5 -16.12 -33.70 -39.49
N LEU C 6 -14.84 -33.34 -39.63
CA LEU C 6 -13.76 -33.94 -38.86
C LEU C 6 -13.02 -32.84 -38.11
N THR C 7 -12.29 -33.24 -37.07
CA THR C 7 -11.58 -32.32 -36.22
C THR C 7 -10.13 -32.77 -36.06
N HIS C 8 -9.24 -31.80 -35.86
CA HIS C 8 -7.81 -32.07 -35.74
C HIS C 8 -7.31 -31.71 -34.35
N PHE C 9 -6.46 -32.59 -33.79
CA PHE C 9 -5.90 -32.42 -32.46
C PHE C 9 -4.40 -32.24 -32.54
N LYS C 10 -3.81 -31.65 -31.48
CA LYS C 10 -2.35 -31.60 -31.31
C LYS C 10 -2.06 -31.55 -29.81
N PHE C 11 -1.56 -32.65 -29.27
CA PHE C 11 -1.34 -32.75 -27.84
C PHE C 11 0.08 -32.33 -27.48
N PHE C 12 0.27 -31.85 -26.24
CA PHE C 12 1.57 -31.38 -25.78
C PHE C 12 2.05 -32.21 -24.59
N TYR C 13 3.33 -32.04 -24.28
CA TYR C 13 3.99 -32.78 -23.20
C TYR C 13 4.46 -31.81 -22.11
N ASN C 14 4.13 -32.14 -20.87
CA ASN C 14 4.70 -31.47 -19.70
C ASN C 14 4.59 -29.96 -19.81
N THR C 15 3.43 -29.48 -20.26
CA THR C 15 3.24 -28.05 -20.36
C THR C 15 3.20 -27.42 -18.98
N PRO C 16 3.72 -26.19 -18.82
CA PRO C 16 3.67 -25.56 -17.50
C PRO C 16 2.26 -25.28 -17.01
N LEU C 17 1.28 -25.20 -17.91
CA LEU C 17 -0.09 -24.89 -17.52
C LEU C 17 -0.73 -26.12 -16.90
N THR C 18 -0.98 -26.07 -15.59
CA THR C 18 -1.66 -27.16 -14.90
C THR C 18 -2.72 -26.69 -13.92
N ASP C 19 -3.07 -25.40 -13.91
CA ASP C 19 -4.09 -24.88 -13.02
C ASP C 19 -4.83 -23.77 -13.73
N TYR C 20 -6.09 -23.55 -13.31
CA TYR C 20 -6.92 -22.55 -13.97
C TYR C 20 -6.39 -21.13 -13.71
N GLN C 21 -5.84 -20.90 -12.53
CA GLN C 21 -5.53 -19.53 -12.11
C GLN C 21 -4.49 -18.87 -13.00
N ASN C 22 -3.50 -19.63 -13.44
CA ASN C 22 -2.38 -19.10 -14.22
C ASN C 22 -2.52 -19.51 -15.68
N THR C 23 -2.39 -18.53 -16.58
CA THR C 23 -2.51 -18.77 -18.01
C THR C 23 -1.54 -17.88 -18.76
N ILE C 24 -1.24 -18.26 -20.00
CA ILE C 24 -0.29 -17.52 -20.84
C ILE C 24 -1.12 -16.66 -21.79
N HIS C 25 -1.39 -15.42 -21.38
CA HIS C 25 -2.11 -14.48 -22.21
C HIS C 25 -1.28 -14.12 -23.44
N PHE C 26 -1.99 -13.79 -24.53
CA PHE C 26 -1.34 -13.44 -25.79
C PHE C 26 -2.00 -12.20 -26.36
N SER C 27 -1.26 -11.50 -27.23
CA SER C 27 -1.77 -10.26 -27.81
C SER C 27 -3.04 -10.51 -28.60
N SER C 28 -3.07 -11.55 -29.43
CA SER C 28 -4.23 -11.83 -30.28
C SER C 28 -4.24 -13.30 -30.63
N ASN C 29 -5.41 -13.77 -31.07
CA ASN C 29 -5.59 -15.19 -31.35
C ASN C 29 -4.54 -15.70 -32.33
N ASN C 30 -4.22 -14.90 -33.34
CA ASN C 30 -3.22 -15.33 -34.32
C ASN C 30 -1.87 -15.57 -33.67
N GLU C 31 -1.46 -14.67 -32.77
CA GLU C 31 -0.17 -14.84 -32.09
C GLU C 31 -0.17 -16.08 -31.22
N ARG C 32 -1.26 -16.31 -30.48
CA ARG C 32 -1.33 -17.49 -29.63
C ARG C 32 -1.28 -18.77 -30.46
N ASP C 33 -2.02 -18.81 -31.57
CA ASP C 33 -1.96 -19.97 -32.45
C ASP C 33 -0.56 -20.18 -32.98
N ASN C 34 0.09 -19.09 -33.42
CA ASN C 34 1.45 -19.21 -33.93
C ASN C 34 2.37 -19.79 -32.88
N TYR C 35 2.24 -19.33 -31.63
CA TYR C 35 3.09 -19.85 -30.57
C TYR C 35 2.83 -21.32 -30.32
N PHE C 36 1.56 -21.72 -30.25
CA PHE C 36 1.25 -23.09 -29.88
C PHE C 36 1.47 -24.05 -31.04
N LEU C 37 1.21 -23.62 -32.27
CA LEU C 37 1.24 -24.51 -33.43
C LEU C 37 2.54 -24.42 -34.21
N ASN C 38 2.91 -23.23 -34.68
CA ASN C 38 4.06 -23.12 -35.58
C ASN C 38 5.36 -23.33 -34.83
N GLU C 39 5.51 -22.71 -33.66
CA GLU C 39 6.75 -22.83 -32.90
C GLU C 39 6.90 -24.24 -32.36
N ASN C 40 8.13 -24.56 -31.96
CA ASN C 40 8.47 -25.90 -31.46
C ASN C 40 8.53 -25.95 -29.94
N HIS C 41 7.96 -24.97 -29.25
CA HIS C 41 7.97 -24.97 -27.80
C HIS C 41 7.30 -26.23 -27.26
N PHE C 42 7.93 -26.85 -26.27
CA PHE C 42 7.48 -28.12 -25.73
C PHE C 42 7.70 -29.25 -26.72
N ASN C 43 7.47 -30.49 -26.30
CA ASN C 43 7.33 -31.62 -27.19
C ASN C 43 5.85 -31.83 -27.47
N ALA C 44 5.52 -32.26 -28.67
CA ALA C 44 4.13 -32.36 -29.06
C ALA C 44 3.92 -33.58 -29.93
N ILE C 45 2.73 -34.15 -29.84
CA ILE C 45 2.25 -35.17 -30.75
C ILE C 45 1.20 -34.52 -31.66
N ASP C 46 1.50 -34.48 -32.95
CA ASP C 46 0.65 -33.82 -33.93
C ASP C 46 -0.09 -34.87 -34.74
N TYR C 47 -1.40 -34.71 -34.86
CA TYR C 47 -2.25 -35.63 -35.61
C TYR C 47 -2.77 -35.00 -36.89
N LYS C 48 -1.93 -34.18 -37.55
CA LYS C 48 -2.37 -33.49 -38.75
C LYS C 48 -2.81 -34.47 -39.82
N ASN C 49 -2.04 -35.54 -40.04
CA ASN C 49 -2.36 -36.49 -41.08
C ASN C 49 -3.66 -37.24 -40.78
N ILE C 50 -3.86 -37.62 -39.53
CA ILE C 50 -4.99 -38.46 -39.13
C ILE C 50 -6.04 -37.55 -38.50
N PRO C 51 -7.16 -37.29 -39.18
CA PRO C 51 -8.24 -36.52 -38.55
C PRO C 51 -9.05 -37.39 -37.59
N PHE C 52 -9.90 -36.73 -36.80
CA PHE C 52 -10.71 -37.40 -35.80
C PHE C 52 -12.17 -36.99 -35.92
N ASN C 53 -13.05 -37.89 -35.53
CA ASN C 53 -14.47 -37.61 -35.40
C ASN C 53 -14.80 -37.38 -33.93
N PHE C 54 -15.08 -36.14 -33.57
CA PHE C 54 -15.23 -35.77 -32.17
C PHE C 54 -16.13 -34.55 -32.07
N ILE C 55 -16.80 -34.42 -30.92
CA ILE C 55 -17.70 -33.31 -30.63
C ILE C 55 -17.28 -32.69 -29.31
N ARG C 56 -17.27 -31.35 -29.25
CA ARG C 56 -16.88 -30.67 -28.03
C ARG C 56 -17.78 -31.03 -26.86
N ASP C 57 -19.06 -31.30 -27.12
CA ASP C 57 -20.01 -31.56 -26.05
C ASP C 57 -19.60 -32.77 -25.22
N ARG C 58 -19.12 -33.82 -25.87
CA ARG C 58 -18.61 -34.99 -25.16
C ARG C 58 -17.10 -34.82 -24.97
N ASN C 59 -16.67 -34.79 -23.71
CA ASN C 59 -15.26 -34.52 -23.43
C ASN C 59 -14.40 -35.74 -23.74
N MET C 60 -14.98 -36.94 -23.69
CA MET C 60 -14.22 -38.16 -23.94
C MET C 60 -13.58 -38.09 -25.31
N VAL C 61 -12.33 -38.54 -25.40
CA VAL C 61 -11.63 -38.63 -26.68
C VAL C 61 -10.82 -39.92 -26.72
N ASN C 62 -10.69 -40.49 -27.92
CA ASN C 62 -9.96 -41.73 -28.13
C ASN C 62 -8.90 -41.49 -29.20
N LEU C 63 -7.67 -41.91 -28.92
CA LEU C 63 -6.54 -41.67 -29.81
C LEU C 63 -6.01 -43.01 -30.33
N GLU C 64 -5.52 -42.99 -31.57
CA GLU C 64 -5.14 -44.24 -32.24
C GLU C 64 -3.72 -44.66 -31.88
N GLN C 65 -2.74 -43.81 -32.19
CA GLN C 65 -1.34 -44.22 -32.20
C GLN C 65 -0.56 -43.77 -30.98
N MET C 66 -1.23 -43.47 -29.87
CA MET C 66 -0.56 -43.04 -28.65
C MET C 66 -0.55 -44.19 -27.67
N SER C 67 0.62 -44.80 -27.48
CA SER C 67 0.75 -45.91 -26.55
C SER C 67 0.72 -45.40 -25.10
N TRP C 68 0.64 -46.34 -24.17
CA TRP C 68 0.55 -45.98 -22.76
C TRP C 68 1.77 -45.16 -22.32
N GLN C 69 2.97 -45.58 -22.72
CA GLN C 69 4.17 -44.83 -22.34
C GLN C 69 4.12 -43.40 -22.88
N ASP C 70 3.70 -43.24 -24.14
CA ASP C 70 3.60 -41.90 -24.70
C ASP C 70 2.49 -41.11 -24.03
N ALA C 71 1.46 -41.80 -23.53
CA ALA C 71 0.33 -41.10 -22.92
C ALA C 71 0.77 -40.35 -21.68
N GLN C 72 1.63 -40.96 -20.85
CA GLN C 72 2.09 -40.29 -19.64
C GLN C 72 2.79 -39.00 -19.99
N GLY C 73 2.42 -37.92 -19.29
CA GLY C 73 3.02 -36.62 -19.48
C GLY C 73 2.18 -35.63 -20.27
N ILE C 74 1.11 -36.09 -20.92
CA ILE C 74 0.26 -35.18 -21.69
C ILE C 74 -0.56 -34.33 -20.73
N ASN C 75 -0.55 -33.01 -20.94
CA ASN C 75 -1.34 -32.09 -20.15
C ASN C 75 -2.34 -31.32 -21.00
N TYR C 76 -1.85 -30.70 -22.07
CA TYR C 76 -2.61 -29.74 -22.86
C TYR C 76 -2.97 -30.34 -24.21
N CYS C 77 -4.20 -30.12 -24.66
CA CYS C 77 -4.63 -30.53 -25.98
C CYS C 77 -5.32 -29.37 -26.67
N THR C 78 -4.88 -29.05 -27.87
CA THR C 78 -5.51 -28.02 -28.69
C THR C 78 -6.17 -28.69 -29.88
N PHE C 79 -7.46 -28.45 -30.06
CA PHE C 79 -8.22 -29.11 -31.12
C PHE C 79 -9.07 -28.08 -31.85
N LYS C 80 -9.20 -28.27 -33.16
CA LYS C 80 -9.98 -27.42 -34.04
C LYS C 80 -10.91 -28.30 -34.86
N SER C 81 -12.21 -28.01 -34.79
CA SER C 81 -13.22 -28.80 -35.47
C SER C 81 -13.92 -27.97 -36.53
N ASP C 82 -14.25 -28.61 -37.65
CA ASP C 82 -15.00 -27.93 -38.69
C ASP C 82 -16.40 -27.55 -38.19
N PHE C 83 -16.86 -28.18 -37.12
CA PHE C 83 -18.18 -27.87 -36.58
C PHE C 83 -18.24 -26.41 -36.11
N GLU C 84 -17.20 -25.96 -35.42
CA GLU C 84 -17.14 -24.60 -34.90
C GLU C 84 -15.87 -23.93 -35.41
N ASN C 85 -16.01 -22.72 -35.93
CA ASN C 85 -14.85 -22.02 -36.47
C ASN C 85 -13.80 -21.78 -35.40
N ARG C 86 -14.24 -21.38 -34.20
CA ARG C 86 -13.31 -21.11 -33.11
C ARG C 86 -12.59 -22.38 -32.71
N ARG C 87 -11.27 -22.31 -32.61
CA ARG C 87 -10.50 -23.43 -32.11
C ARG C 87 -10.55 -23.44 -30.59
N TYR C 88 -10.18 -24.58 -29.99
CA TYR C 88 -10.34 -24.79 -28.57
C TYR C 88 -9.08 -25.39 -27.97
N TYR C 89 -8.92 -25.18 -26.67
CA TYR C 89 -7.84 -25.76 -25.88
C TYR C 89 -8.43 -26.35 -24.61
N ALA C 90 -7.76 -27.37 -24.07
CA ALA C 90 -8.28 -28.03 -22.89
C ALA C 90 -7.16 -28.76 -22.16
N PHE C 91 -7.41 -29.03 -20.88
CA PHE C 91 -6.53 -29.85 -20.05
C PHE C 91 -6.97 -31.30 -20.14
N VAL C 92 -6.01 -32.21 -20.20
CA VAL C 92 -6.30 -33.64 -20.23
C VAL C 92 -6.35 -34.10 -18.78
N ASN C 93 -7.55 -34.03 -18.19
CA ASN C 93 -7.69 -34.31 -16.77
C ASN C 93 -7.30 -35.74 -16.42
N GLN C 94 -7.77 -36.71 -17.20
CA GLN C 94 -7.57 -38.11 -16.86
C GLN C 94 -7.23 -38.92 -18.09
N ILE C 95 -6.31 -39.87 -17.91
CA ILE C 95 -5.86 -40.79 -18.95
C ILE C 95 -6.23 -42.20 -18.53
N GLU C 96 -6.85 -42.95 -19.43
CA GLU C 96 -7.30 -44.31 -19.12
C GLU C 96 -6.91 -45.22 -20.27
N TYR C 97 -6.64 -46.48 -19.92
CA TYR C 97 -6.23 -47.50 -20.89
C TYR C 97 -7.39 -48.47 -21.09
N VAL C 98 -7.77 -48.69 -22.36
CA VAL C 98 -8.85 -49.59 -22.69
C VAL C 98 -8.42 -50.71 -23.64
N ASN C 99 -7.44 -50.48 -24.50
CA ASN C 99 -6.99 -51.52 -25.43
C ASN C 99 -5.58 -51.19 -25.87
N ASP C 100 -4.91 -52.20 -26.42
CA ASP C 100 -3.53 -52.00 -26.87
C ASP C 100 -3.45 -50.95 -27.97
N HIS C 101 -4.56 -50.69 -28.66
CA HIS C 101 -4.56 -49.81 -29.82
C HIS C 101 -5.17 -48.45 -29.54
N VAL C 102 -5.87 -48.27 -28.42
CA VAL C 102 -6.53 -47.00 -28.11
C VAL C 102 -6.34 -46.70 -26.63
N THR C 103 -6.15 -45.43 -26.30
CA THR C 103 -6.06 -44.96 -24.93
C THR C 103 -6.93 -43.74 -24.77
N ARG C 104 -7.96 -43.84 -23.94
CA ARG C 104 -8.92 -42.75 -23.80
C ARG C 104 -8.34 -41.64 -22.94
N MET C 105 -8.71 -40.40 -23.27
CA MET C 105 -8.36 -39.24 -22.45
C MET C 105 -9.57 -38.34 -22.33
N TYR C 106 -9.80 -37.85 -21.11
CA TYR C 106 -10.86 -36.88 -20.88
C TYR C 106 -10.31 -35.47 -21.01
N LEU C 107 -11.18 -34.52 -21.30
CA LEU C 107 -10.79 -33.13 -21.47
C LEU C 107 -11.68 -32.22 -20.64
N VAL C 108 -11.13 -31.06 -20.27
CA VAL C 108 -11.88 -29.97 -19.67
C VAL C 108 -11.50 -28.69 -20.42
N ILE C 109 -12.50 -28.01 -20.98
CA ILE C 109 -12.21 -26.85 -21.82
C ILE C 109 -11.55 -25.77 -20.98
N ASP C 110 -10.45 -25.22 -21.49
CA ASP C 110 -9.74 -24.13 -20.84
C ASP C 110 -10.33 -22.83 -21.35
N THR C 111 -11.33 -22.30 -20.64
CA THR C 111 -12.05 -21.14 -21.13
C THR C 111 -11.15 -19.91 -21.22
N VAL C 112 -10.25 -19.73 -20.25
CA VAL C 112 -9.45 -18.52 -20.20
C VAL C 112 -8.65 -18.35 -21.49
N MET C 113 -7.94 -19.41 -21.89
CA MET C 113 -7.12 -19.31 -23.09
C MET C 113 -7.98 -19.18 -24.34
N THR C 114 -9.12 -19.88 -24.37
CA THR C 114 -9.91 -19.92 -25.60
C THR C 114 -10.61 -18.59 -25.87
N TYR C 115 -11.23 -17.98 -24.86
CA TYR C 115 -12.13 -16.87 -25.09
C TYR C 115 -11.60 -15.52 -24.63
N THR C 116 -10.65 -15.48 -23.70
CA THR C 116 -10.24 -14.23 -23.08
C THR C 116 -9.04 -13.59 -23.75
N GLN C 117 -8.57 -14.12 -24.87
CA GLN C 117 -7.41 -13.54 -25.53
C GLN C 117 -7.73 -12.15 -26.05
N GLY C 118 -6.73 -11.28 -26.03
CA GLY C 118 -6.90 -9.93 -26.52
C GLY C 118 -7.51 -9.01 -25.48
N ASN C 119 -8.16 -7.95 -25.98
CA ASN C 119 -8.81 -6.97 -25.14
C ASN C 119 -10.30 -7.23 -24.97
N VAL C 120 -10.73 -8.48 -25.12
CA VAL C 120 -12.15 -8.80 -25.05
C VAL C 120 -12.71 -8.46 -23.67
N LEU C 121 -11.96 -8.80 -22.61
CA LEU C 121 -12.45 -8.53 -21.27
C LEU C 121 -12.71 -7.05 -21.04
N SER C 122 -11.99 -6.18 -21.74
CA SER C 122 -12.19 -4.74 -21.56
C SER C 122 -13.58 -4.31 -22.00
N THR C 123 -14.26 -5.12 -22.82
CA THR C 123 -15.58 -4.75 -23.31
C THR C 123 -16.67 -4.89 -22.25
N VAL C 124 -16.39 -5.59 -21.15
CA VAL C 124 -17.40 -5.75 -20.11
C VAL C 124 -17.84 -4.37 -19.61
N GLN C 125 -19.12 -4.23 -19.32
CA GLN C 125 -19.70 -2.96 -18.92
C GLN C 125 -20.42 -3.10 -17.58
N ASN C 126 -20.21 -2.12 -16.70
CA ASN C 126 -20.90 -2.06 -15.42
C ASN C 126 -20.77 -3.36 -14.65
N ALA C 127 -19.52 -3.77 -14.40
CA ALA C 127 -19.22 -4.98 -13.66
C ALA C 127 -18.27 -4.65 -12.52
N PHE C 128 -18.54 -5.23 -11.35
CA PHE C 128 -17.66 -5.03 -10.21
C PHE C 128 -16.28 -5.60 -10.49
N VAL C 129 -15.26 -4.85 -10.12
CA VAL C 129 -13.87 -5.21 -10.39
C VAL C 129 -13.10 -5.17 -9.08
N GLU C 130 -12.01 -5.94 -9.02
CA GLU C 130 -11.19 -6.03 -7.83
C GLU C 130 -9.82 -6.56 -8.19
N ARG C 131 -8.80 -5.97 -7.57
CA ARG C 131 -7.42 -6.43 -7.73
C ARG C 131 -6.97 -6.37 -9.19
N GLN C 132 -7.32 -5.30 -9.88
CA GLN C 132 -6.92 -5.13 -11.27
C GLN C 132 -5.65 -4.29 -11.36
N HIS C 133 -4.70 -4.77 -12.15
CA HIS C 133 -3.49 -3.99 -12.41
C HIS C 133 -3.85 -2.73 -13.17
N LEU C 134 -3.26 -1.59 -12.75
CA LEU C 134 -3.71 -0.31 -13.25
C LEU C 134 -2.72 0.27 -14.26
N PRO C 135 -3.19 0.99 -15.27
CA PRO C 135 -2.27 1.74 -16.14
C PRO C 135 -1.70 2.95 -15.42
N ARG C 136 -0.71 3.57 -16.07
CA ARG C 136 0.08 4.60 -15.40
C ARG C 136 -0.75 5.83 -15.08
N ASP C 137 -1.59 6.26 -16.02
CA ASP C 137 -2.36 7.49 -15.78
C ASP C 137 -3.24 7.36 -14.55
N VAL C 138 -4.07 6.31 -14.51
CA VAL C 138 -4.97 6.14 -13.38
C VAL C 138 -4.19 5.80 -12.11
N TYR C 139 -3.12 5.00 -12.25
CA TYR C 139 -2.32 4.66 -11.09
C TYR C 139 -1.79 5.91 -10.39
N ASN C 140 -1.23 6.85 -11.17
CA ASN C 140 -0.84 8.13 -10.58
C ASN C 140 -2.06 8.87 -10.04
N TYR C 141 -3.17 8.82 -10.78
CA TYR C 141 -4.38 9.51 -10.31
C TYR C 141 -4.90 8.90 -9.02
N LEU C 142 -4.86 7.57 -8.89
CA LEU C 142 -5.40 6.89 -7.73
C LEU C 142 -4.37 6.66 -6.63
N LEU C 143 -3.13 7.10 -6.83
CA LEU C 143 -2.07 6.77 -5.89
C LEU C 143 -2.44 7.06 -4.44
N PRO C 144 -2.99 8.22 -4.07
CA PRO C 144 -3.31 8.44 -2.65
C PRO C 144 -4.28 7.41 -2.09
N SER C 145 -5.24 6.96 -2.90
CA SER C 145 -6.19 5.97 -2.40
C SER C 145 -5.50 4.66 -2.03
N LEU C 146 -4.55 4.21 -2.86
CA LEU C 146 -3.81 3.00 -2.53
C LEU C 146 -2.91 3.22 -1.33
N ARG C 147 -2.31 4.41 -1.23
CA ARG C 147 -1.37 4.65 -0.14
C ARG C 147 -2.04 4.51 1.22
N ASN C 148 -3.36 4.73 1.28
CA ASN C 148 -4.10 4.66 2.54
C ASN C 148 -5.06 3.49 2.60
N ASN C 149 -5.05 2.60 1.61
CA ASN C 149 -5.95 1.47 1.62
C ASN C 149 -5.52 0.46 2.69
N ASP C 150 -6.37 -0.54 2.91
CA ASP C 150 -6.12 -1.54 3.95
C ASP C 150 -5.41 -2.78 3.42
N ASP C 151 -5.08 -2.82 2.13
CA ASP C 151 -4.42 -4.00 1.56
C ASP C 151 -2.93 -3.95 1.91
N VAL C 152 -2.53 -4.71 2.93
CA VAL C 152 -1.15 -4.68 3.41
C VAL C 152 -0.80 -6.03 4.00
N ILE C 153 0.49 -6.38 3.90
CA ILE C 153 1.03 -7.58 4.51
C ILE C 153 2.03 -7.15 5.57
N LYS C 154 1.93 -7.74 6.76
CA LYS C 154 2.81 -7.35 7.87
C LYS C 154 4.26 -7.65 7.53
N ALA C 155 5.15 -6.75 7.91
CA ALA C 155 6.58 -6.90 7.71
C ALA C 155 7.18 -7.43 9.01
N SER C 156 7.84 -8.60 8.93
CA SER C 156 8.35 -9.24 10.13
C SER C 156 9.49 -8.42 10.75
N ASN C 157 10.48 -8.04 9.95
CA ASN C 157 11.69 -7.40 10.44
C ASN C 157 11.72 -5.95 9.97
N LYS C 158 11.86 -5.02 10.92
CA LYS C 158 12.04 -3.61 10.63
C LYS C 158 13.07 -3.03 11.57
N TYR C 159 13.97 -2.22 11.02
CA TYR C 159 15.01 -1.58 11.80
C TYR C 159 15.24 -0.16 11.28
N TYR C 160 15.66 0.72 12.18
CA TYR C 160 15.89 2.10 11.80
C TYR C 160 17.05 2.18 10.82
N LEU C 161 16.90 3.04 9.81
CA LEU C 161 17.89 3.19 8.76
C LEU C 161 18.62 4.52 8.79
N ASN C 162 17.89 5.64 8.85
CA ASN C 162 18.49 6.96 8.85
C ASN C 162 18.03 7.74 10.07
N ASN C 163 18.95 8.54 10.62
CA ASN C 163 18.68 9.41 11.75
C ASN C 163 19.11 10.83 11.41
N TYR C 164 18.21 11.78 11.61
CA TYR C 164 18.50 13.19 11.42
C TYR C 164 18.28 13.92 12.74
N LEU C 165 19.18 14.84 13.07
CA LEU C 165 19.10 15.60 14.32
C LEU C 165 19.12 17.08 13.99
N GLU C 166 18.19 17.83 14.59
CA GLU C 166 18.12 19.27 14.44
C GLU C 166 18.13 19.87 15.84
N GLN C 167 19.05 20.82 16.07
CA GLN C 167 19.28 21.34 17.41
C GLN C 167 19.53 22.84 17.34
N PHE C 168 19.37 23.50 18.48
CA PHE C 168 19.67 24.92 18.62
C PHE C 168 20.70 25.08 19.73
N GLY C 169 21.96 25.32 19.34
CA GLY C 169 23.04 25.35 20.32
C GLY C 169 22.92 26.49 21.29
N GLY C 170 22.64 27.69 20.81
CA GLY C 170 22.59 28.86 21.67
C GLY C 170 21.49 28.72 22.72
N ASN C 171 21.86 29.01 23.98
CA ASN C 171 20.93 28.95 25.11
C ASN C 171 21.12 30.21 25.97
N LEU C 172 20.38 31.26 25.64
CA LEU C 172 20.37 32.44 26.50
C LEU C 172 19.61 32.13 27.79
N VAL C 173 20.07 32.69 28.89
CA VAL C 173 19.44 32.48 30.19
C VAL C 173 18.36 33.53 30.37
N LEU C 174 17.10 33.06 30.43
CA LEU C 174 15.98 33.92 30.77
C LEU C 174 15.94 34.15 32.28
N PHE C 175 15.17 35.16 32.68
CA PHE C 175 15.17 35.58 34.09
C PHE C 175 13.86 36.29 34.34
N GLN C 176 12.98 35.67 35.14
CA GLN C 176 11.74 36.32 35.56
C GLN C 176 11.93 36.89 36.95
N SER C 177 11.68 38.19 37.11
CA SER C 177 11.90 38.85 38.40
C SER C 177 10.76 39.83 38.66
N SER C 178 10.03 39.62 39.75
CA SER C 178 8.99 40.57 40.13
C SER C 178 9.60 41.92 40.49
N ALA C 179 10.71 41.92 41.22
CA ALA C 179 11.37 43.16 41.57
C ALA C 179 12.07 43.76 40.35
N ASP C 180 11.99 45.08 40.23
CA ASP C 180 12.57 45.80 39.11
C ASP C 180 14.01 46.15 39.46
N LEU C 181 14.96 45.67 38.66
CA LEU C 181 16.36 45.97 38.94
C LEU C 181 16.73 47.39 38.50
N SER C 182 15.90 48.02 37.66
CA SER C 182 16.18 49.38 37.25
C SER C 182 16.18 50.32 38.45
N LYS C 183 15.19 50.16 39.33
CA LYS C 183 15.16 50.95 40.55
C LYS C 183 16.30 50.57 41.48
N LYS C 184 16.80 51.54 42.22
CA LYS C 184 17.92 51.31 43.11
C LYS C 184 17.50 50.38 44.25
N PHE C 185 18.36 49.42 44.57
CA PHE C 185 18.12 48.58 45.73
C PHE C 185 18.47 49.34 47.01
N GLY C 186 17.81 48.95 48.09
CA GLY C 186 18.13 49.53 49.39
C GLY C 186 19.49 49.09 49.87
N THR C 187 20.06 49.88 50.79
CA THR C 187 21.33 49.53 51.37
C THR C 187 21.23 48.21 52.13
N LYS C 188 22.39 47.70 52.56
CA LYS C 188 22.42 46.37 53.16
C LYS C 188 21.43 46.27 54.32
N LYS C 189 21.43 47.25 55.21
CA LYS C 189 20.54 47.17 56.38
C LYS C 189 19.10 47.44 56.01
N GLU C 190 18.85 48.45 55.17
CA GLU C 190 17.49 48.87 54.82
C GLU C 190 17.24 48.55 53.35
N PRO C 191 16.30 47.67 53.03
CA PRO C 191 16.03 47.34 51.63
C PRO C 191 15.09 48.33 50.96
N ASN C 192 14.83 48.07 49.68
CA ASN C 192 13.95 48.92 48.88
C ASN C 192 13.50 48.14 47.65
N LEU C 193 12.20 47.93 47.53
CA LEU C 193 11.60 47.21 46.40
C LEU C 193 10.46 48.05 45.84
N GLU C 194 10.26 47.98 44.52
CA GLU C 194 9.17 48.69 43.86
C GLU C 194 8.44 47.83 42.83
N SER C 195 8.51 46.51 42.95
CA SER C 195 7.76 45.62 42.07
C SER C 195 8.33 45.76 40.64
N SER C 196 7.47 45.73 39.63
CA SER C 196 7.93 45.77 38.24
C SER C 196 6.86 46.44 37.39
N LYS C 197 7.15 46.51 36.09
CA LYS C 197 6.26 47.11 35.11
C LYS C 197 5.83 46.05 34.09
N GLY C 198 4.85 46.43 33.27
CA GLY C 198 4.31 45.53 32.27
C GLY C 198 5.07 45.57 30.96
N ILE C 199 5.63 44.43 30.56
CA ILE C 199 6.45 44.39 29.35
C ILE C 199 5.59 44.29 28.11
N THR C 200 4.55 43.45 28.14
CA THR C 200 3.65 43.25 27.00
C THR C 200 4.40 42.65 25.83
N TYR C 201 5.03 41.49 26.06
CA TYR C 201 5.72 40.78 25.00
C TYR C 201 4.78 39.81 24.31
N ASP C 202 4.94 39.68 22.99
CA ASP C 202 4.16 38.73 22.20
C ASP C 202 2.66 38.91 22.47
N TYR C 203 2.22 40.16 22.54
CA TYR C 203 0.81 40.48 22.70
C TYR C 203 0.28 40.07 24.07
N ILE C 204 1.12 39.49 24.92
CA ILE C 204 0.69 39.09 26.25
C ILE C 204 1.44 39.91 27.29
N THR C 205 0.70 40.48 28.24
CA THR C 205 1.25 41.42 29.21
C THR C 205 1.03 40.89 30.63
N SER C 206 2.03 41.10 31.48
CA SER C 206 1.94 40.75 32.89
C SER C 206 2.91 41.63 33.67
N PRO C 207 2.69 41.79 34.97
CA PRO C 207 3.56 42.68 35.76
C PRO C 207 5.02 42.25 35.77
N VAL C 208 5.29 40.95 35.71
CA VAL C 208 6.65 40.46 35.92
C VAL C 208 7.60 41.06 34.87
N ASN C 209 8.87 41.18 35.24
CA ASN C 209 9.91 41.69 34.36
C ASN C 209 10.76 40.53 33.86
N LEU C 210 11.12 40.58 32.57
CA LEU C 210 11.95 39.56 31.95
C LEU C 210 13.31 40.16 31.60
N TYR C 211 14.37 39.49 32.03
CA TYR C 211 15.73 39.82 31.67
C TYR C 211 16.36 38.63 30.96
N VAL C 212 17.38 38.89 30.16
CA VAL C 212 18.10 37.85 29.44
C VAL C 212 19.60 38.11 29.58
N MET C 213 20.37 37.06 29.83
CA MET C 213 21.81 37.21 29.89
C MET C 213 22.47 35.90 29.47
N ASN C 214 23.70 36.02 28.98
CA ASN C 214 24.44 34.86 28.53
C ASN C 214 24.85 34.00 29.72
N ARG C 215 25.21 32.75 29.43
CA ARG C 215 25.52 31.81 30.50
C ARG C 215 26.70 32.28 31.34
N GLU C 216 27.74 32.80 30.68
CA GLU C 216 28.94 33.20 31.42
C GLU C 216 28.63 34.34 32.39
N ASP C 217 27.84 35.32 31.96
CA ASP C 217 27.64 36.52 32.76
C ASP C 217 26.71 36.26 33.94
N PHE C 218 25.90 35.20 33.88
CA PHE C 218 24.89 35.00 34.91
C PHE C 218 25.52 34.75 36.28
N ASN C 219 26.55 33.91 36.33
CA ASN C 219 27.18 33.62 37.62
C ASN C 219 27.88 34.86 38.17
N ASN C 220 28.53 35.64 37.31
CA ASN C 220 29.14 36.88 37.77
C ASN C 220 28.09 37.83 38.33
N PHE C 221 26.96 37.94 37.65
CA PHE C 221 25.88 38.79 38.14
C PHE C 221 25.37 38.30 39.49
N MET C 222 25.24 36.98 39.64
CA MET C 222 24.84 36.43 40.94
C MET C 222 25.84 36.80 42.01
N ASP C 223 27.14 36.68 41.71
CA ASP C 223 28.15 37.04 42.70
C ASP C 223 28.05 38.52 43.08
N LYS C 224 27.81 39.38 42.10
CA LYS C 224 27.71 40.81 42.39
C LYS C 224 26.51 41.11 43.29
N MET C 225 25.42 40.37 43.12
CA MET C 225 24.19 40.62 43.87
C MET C 225 24.12 39.81 45.16
N SER C 226 25.15 39.05 45.49
CA SER C 226 25.11 38.26 46.72
C SER C 226 24.90 39.12 47.94
N LYS C 227 25.33 40.39 47.88
CA LYS C 227 25.15 41.29 49.01
C LYS C 227 23.67 41.50 49.31
N TYR C 228 22.82 41.42 48.30
CA TYR C 228 21.40 41.69 48.44
C TYR C 228 20.62 40.38 48.48
N PRO C 229 20.33 39.83 49.65
CA PRO C 229 19.61 38.56 49.68
C PRO C 229 18.13 38.69 49.34
N TRP C 230 17.49 39.79 49.74
CA TRP C 230 16.05 39.91 49.52
C TRP C 230 15.72 39.97 48.04
N ILE C 231 16.53 40.67 47.25
CA ILE C 231 16.29 40.73 45.81
C ILE C 231 16.43 39.34 45.21
N THR C 232 17.46 38.60 45.60
CA THR C 232 17.64 37.25 45.05
C THR C 232 16.47 36.35 45.44
N GLN C 233 15.98 36.47 46.67
CA GLN C 233 14.82 35.69 47.08
C GLN C 233 13.62 36.00 46.20
N ASN C 234 13.61 37.16 45.58
CA ASN C 234 12.45 37.58 44.78
C ASN C 234 12.43 36.97 43.39
N PHE C 235 13.55 36.42 42.92
CA PHE C 235 13.57 35.83 41.59
C PHE C 235 12.55 34.69 41.51
N GLN C 236 11.75 34.68 40.46
CA GLN C 236 10.61 33.77 40.36
C GLN C 236 10.92 32.50 39.59
N LYS C 237 11.40 32.63 38.34
CA LYS C 237 11.64 31.47 37.50
C LYS C 237 12.82 31.76 36.57
N ILE C 238 13.61 30.72 36.31
CA ILE C 238 14.77 30.81 35.43
C ILE C 238 14.61 29.72 34.37
N ILE C 239 14.71 30.11 33.10
CA ILE C 239 14.49 29.22 31.97
C ILE C 239 15.61 29.42 30.97
N LEU C 240 16.06 28.31 30.36
CA LEU C 240 17.16 28.35 29.39
C LEU C 240 16.58 28.33 27.97
N ILE C 241 16.09 29.49 27.55
CA ILE C 241 15.47 29.57 26.23
C ILE C 241 16.56 29.49 25.15
N PRO C 242 16.29 28.89 24.00
CA PRO C 242 17.30 28.90 22.93
C PRO C 242 17.55 30.29 22.38
N ALA C 243 18.78 30.52 21.92
CA ALA C 243 19.16 31.85 21.46
C ALA C 243 18.49 32.21 20.15
N THR C 244 18.14 31.21 19.34
CA THR C 244 17.65 31.50 17.99
C THR C 244 16.37 32.31 18.02
N PHE C 245 15.50 32.04 19.00
CA PHE C 245 14.18 32.67 18.98
C PHE C 245 14.26 34.18 19.06
N ILE C 246 15.09 34.71 19.95
CA ILE C 246 15.07 36.12 20.29
C ILE C 246 15.97 36.89 19.32
N ASN C 247 15.43 37.95 18.73
CA ASN C 247 16.23 38.85 17.92
C ASN C 247 17.22 39.59 18.81
N LYS C 248 18.45 39.74 18.31
CA LYS C 248 19.46 40.50 19.05
C LYS C 248 19.04 41.95 19.21
N ASP C 249 18.46 42.52 18.15
CA ASP C 249 18.06 43.94 18.19
C ASP C 249 17.01 44.17 19.27
N ASP C 250 16.04 43.26 19.39
CA ASP C 250 14.94 43.47 20.34
C ASP C 250 15.47 43.64 21.76
N LEU C 251 16.62 43.06 22.07
CA LEU C 251 17.19 43.20 23.39
C LEU C 251 17.58 44.64 23.65
N GLU C 252 17.41 45.09 24.90
CA GLU C 252 17.80 46.42 25.33
C GLU C 252 18.71 46.31 26.55
N ALA C 253 19.79 47.08 26.55
CA ALA C 253 20.67 47.12 27.70
C ALA C 253 20.01 47.90 28.83
N VAL C 254 20.30 47.48 30.06
CA VAL C 254 19.76 48.13 31.25
C VAL C 254 20.91 48.39 32.23
N LYS C 255 20.90 49.57 32.83
CA LYS C 255 21.91 49.98 33.78
C LYS C 255 21.28 50.11 35.17
N THR C 256 21.88 49.45 36.15
CA THR C 256 21.41 49.50 37.52
C THR C 256 22.27 50.44 38.35
N GLN C 257 22.02 50.46 39.65
CA GLN C 257 22.85 51.27 40.55
C GLN C 257 24.28 50.77 40.53
N GLU C 258 24.47 49.45 40.52
CA GLU C 258 25.81 48.87 40.47
C GLU C 258 26.23 48.65 39.02
N ASP C 259 27.47 48.22 38.85
CA ASP C 259 28.00 47.93 37.52
C ASP C 259 27.80 46.46 37.20
N ILE C 260 26.86 46.17 36.30
CA ILE C 260 26.55 44.81 35.87
C ILE C 260 27.06 44.66 34.44
N LYS C 261 27.67 43.50 34.16
CA LYS C 261 28.37 43.34 32.89
C LYS C 261 27.40 43.37 31.72
N GLY C 262 26.47 42.41 31.67
CA GLY C 262 25.68 42.22 30.46
C GLY C 262 24.20 41.98 30.68
N LEU C 263 23.62 42.62 31.69
CA LEU C 263 22.18 42.51 31.88
C LEU C 263 21.43 43.18 30.73
N MET C 264 20.36 42.54 30.28
CA MET C 264 19.57 43.06 29.17
C MET C 264 18.11 42.74 29.41
N THR C 265 17.24 43.50 28.75
CA THR C 265 15.80 43.38 28.94
C THR C 265 15.10 43.50 27.58
N LEU C 266 13.95 42.83 27.47
CA LEU C 266 13.18 42.85 26.24
C LEU C 266 12.45 44.18 26.07
N LYS C 267 12.16 44.52 24.82
CA LYS C 267 11.46 45.77 24.53
C LYS C 267 9.98 45.67 24.88
N ASN C 268 9.30 46.81 24.78
CA ASN C 268 7.88 46.86 25.14
C ASN C 268 7.05 45.98 24.22
N ASP C 269 7.31 46.02 22.92
CA ASP C 269 6.51 45.28 21.94
C ASP C 269 7.42 44.75 20.85
N LYS C 270 7.67 43.44 20.88
CA LYS C 270 8.45 42.78 19.84
C LYS C 270 8.00 41.33 19.77
N LEU C 271 8.32 40.70 18.65
CA LEU C 271 7.87 39.34 18.37
C LEU C 271 9.06 38.45 18.07
N SER C 272 9.11 37.30 18.72
CA SER C 272 10.22 36.37 18.52
C SER C 272 10.16 35.73 17.14
N ASN C 273 11.31 35.26 16.67
CA ASN C 273 11.39 34.63 15.36
C ASN C 273 10.70 33.27 15.38
N GLU C 274 10.47 32.74 14.19
CA GLU C 274 10.00 31.37 14.03
C GLU C 274 11.18 30.47 13.73
N TRP C 275 11.28 29.36 14.46
CA TRP C 275 12.43 28.46 14.36
C TRP C 275 12.21 27.50 13.20
N GLU C 276 12.68 27.90 12.02
CA GLU C 276 12.52 27.07 10.84
C GLU C 276 13.36 25.79 10.96
N LEU C 277 12.84 24.72 10.38
CA LEU C 277 13.53 23.42 10.35
C LEU C 277 13.96 23.15 8.93
N LYS C 278 15.27 22.97 8.73
CA LYS C 278 15.83 22.72 7.41
C LYS C 278 16.41 21.32 7.27
N GLU C 279 17.06 20.79 8.31
CA GLU C 279 17.59 19.44 8.24
C GLU C 279 16.48 18.41 8.09
N LEU C 280 15.37 18.61 8.80
CA LEU C 280 14.25 17.67 8.77
C LEU C 280 13.37 17.94 7.55
N ARG C 281 13.98 17.79 6.38
CA ARG C 281 13.28 17.95 5.10
C ARG C 281 13.77 16.85 4.17
N VAL C 282 12.87 15.94 3.79
CA VAL C 282 13.18 14.79 2.96
C VAL C 282 12.20 14.77 1.80
N PRO C 283 12.66 14.80 0.55
CA PRO C 283 11.72 14.69 -0.57
C PRO C 283 11.26 13.25 -0.76
N PHE C 284 10.22 13.11 -1.59
CA PHE C 284 9.62 11.79 -1.79
C PHE C 284 10.63 10.82 -2.39
N GLU C 285 11.44 11.29 -3.34
CA GLU C 285 12.41 10.40 -3.99
C GLU C 285 13.38 9.83 -2.96
N ARG C 286 13.77 10.63 -1.96
CA ARG C 286 14.65 10.11 -0.93
C ARG C 286 13.97 9.01 -0.12
N LEU C 287 12.69 9.17 0.19
CA LEU C 287 11.96 8.11 0.85
C LEU C 287 11.97 6.84 0.02
N GLN C 288 11.71 6.97 -1.28
CA GLN C 288 11.73 5.80 -2.14
C GLN C 288 13.09 5.13 -2.13
N TYR C 289 14.17 5.92 -2.22
CA TYR C 289 15.50 5.35 -2.22
C TYR C 289 15.78 4.61 -0.92
N MET C 290 15.39 5.20 0.21
CA MET C 290 15.55 4.51 1.48
C MET C 290 14.75 3.21 1.50
N LEU C 291 13.61 3.18 0.80
CA LEU C 291 12.86 1.94 0.65
C LEU C 291 13.53 0.97 -0.32
N ASN C 292 14.60 1.38 -1.00
CA ASN C 292 15.26 0.55 -2.00
C ASN C 292 14.37 0.31 -3.21
N SER C 293 13.40 1.21 -3.44
CA SER C 293 12.45 1.09 -4.54
C SER C 293 12.41 2.42 -5.27
N ASN C 294 13.34 2.62 -6.20
CA ASN C 294 13.41 3.85 -6.98
C ASN C 294 12.81 3.61 -8.37
N GLN C 295 11.48 3.54 -8.40
CA GLN C 295 10.76 3.38 -9.65
C GLN C 295 9.31 3.77 -9.45
N ASP C 296 8.62 4.02 -10.55
CA ASP C 296 7.21 4.40 -10.47
C ASP C 296 6.36 3.27 -9.89
N GLU C 297 6.66 2.03 -10.27
CA GLU C 297 5.83 0.90 -9.86
C GLU C 297 5.67 0.84 -8.35
N LEU C 298 6.67 1.31 -7.61
CA LEU C 298 6.65 1.20 -6.16
C LEU C 298 6.44 2.55 -5.49
N LYS C 299 5.93 3.55 -6.21
CA LYS C 299 5.53 4.79 -5.54
C LYS C 299 4.49 4.51 -4.47
N HIS C 300 3.58 3.57 -4.73
CA HIS C 300 2.57 3.24 -3.73
C HIS C 300 3.19 2.60 -2.50
N LEU C 301 4.43 2.09 -2.61
CA LEU C 301 5.02 1.38 -1.48
C LEU C 301 5.29 2.28 -0.29
N VAL C 302 5.20 3.60 -0.46
CA VAL C 302 5.40 4.52 0.64
C VAL C 302 4.09 4.63 1.41
N ARG C 303 3.89 3.72 2.37
CA ARG C 303 2.69 3.69 3.19
C ARG C 303 3.08 3.60 4.65
N ASN C 304 2.09 3.79 5.51
CA ASN C 304 2.36 3.89 6.95
C ASN C 304 3.00 2.62 7.48
N GLU C 305 2.44 1.46 7.12
CA GLU C 305 2.89 0.22 7.76
C GLU C 305 4.29 -0.16 7.28
N TYR C 306 4.52 -0.13 5.98
CA TYR C 306 5.81 -0.57 5.46
C TYR C 306 6.94 0.34 5.88
N LEU C 307 6.77 1.66 5.70
CA LEU C 307 7.78 2.64 6.03
C LEU C 307 7.28 3.50 7.18
N THR C 308 8.17 3.75 8.15
CA THR C 308 7.82 4.55 9.32
C THR C 308 8.76 5.74 9.41
N ILE C 309 8.20 6.91 9.73
CA ILE C 309 8.98 8.09 10.04
C ILE C 309 8.52 8.59 11.41
N GLU C 310 9.47 8.76 12.33
CA GLU C 310 9.14 9.10 13.71
C GLU C 310 9.92 10.34 14.11
N ILE C 311 9.20 11.36 14.57
CA ILE C 311 9.79 12.58 15.09
C ILE C 311 9.70 12.53 16.61
N TYR C 312 10.84 12.41 17.27
CA TYR C 312 10.92 12.22 18.71
C TYR C 312 11.47 13.48 19.36
N SER C 313 10.79 13.94 20.41
CA SER C 313 11.35 14.86 21.38
C SER C 313 11.71 14.07 22.63
N TRP C 314 13.00 14.04 22.95
CA TRP C 314 13.49 13.10 23.94
C TRP C 314 12.90 13.34 25.33
N ASN C 315 12.27 14.49 25.55
CA ASN C 315 11.57 14.71 26.82
C ASN C 315 10.56 13.60 27.09
N GLY C 316 9.96 13.06 26.04
CA GLY C 316 8.99 11.99 26.19
C GLY C 316 7.85 12.10 25.21
N ASP C 317 7.66 13.27 24.61
CA ASP C 317 6.61 13.46 23.62
C ASP C 317 7.06 12.95 22.26
N SER C 318 6.09 12.49 21.47
CA SER C 318 6.36 11.95 20.15
C SER C 318 5.24 12.36 19.21
N LEU C 319 5.57 12.42 17.92
CA LEU C 319 4.61 12.79 16.89
C LEU C 319 4.09 11.58 16.12
N LEU C 320 4.97 10.68 15.69
CA LEU C 320 4.57 9.48 14.98
C LEU C 320 3.75 9.82 13.74
N LEU C 321 4.38 10.52 12.81
CA LEU C 321 3.70 10.85 11.56
C LEU C 321 3.66 9.63 10.66
N ASP C 322 2.46 9.28 10.20
CA ASP C 322 2.29 8.14 9.32
C ASP C 322 2.86 8.46 7.94
N ALA C 323 3.50 7.46 7.32
CA ALA C 323 4.19 7.69 6.06
C ALA C 323 3.21 8.12 4.97
N GLY C 324 2.05 7.50 4.92
CA GLY C 324 1.07 7.89 3.93
C GLY C 324 0.65 9.33 4.09
N LYS C 325 -0.11 9.82 3.11
CA LYS C 325 -0.68 11.17 3.10
C LYS C 325 0.38 12.24 2.91
N ILE C 326 1.64 11.88 2.72
CA ILE C 326 2.70 12.83 2.43
C ILE C 326 2.73 13.01 0.91
N THR C 327 2.19 14.12 0.43
CA THR C 327 2.10 14.34 -0.99
C THR C 327 3.49 14.35 -1.62
N GLU C 328 3.63 13.62 -2.74
CA GLU C 328 4.91 13.58 -3.43
C GLU C 328 5.32 14.96 -3.91
N ARG C 329 4.37 15.88 -4.03
CA ARG C 329 4.71 17.25 -4.44
C ARG C 329 5.68 17.88 -3.46
N THR C 330 5.41 17.75 -2.17
CA THR C 330 6.29 18.28 -1.12
C THR C 330 6.44 17.21 -0.04
N GLY C 331 7.67 16.75 0.18
CA GLY C 331 7.93 15.77 1.20
C GLY C 331 7.66 16.29 2.59
N VAL C 332 8.17 15.56 3.58
CA VAL C 332 8.01 15.99 4.96
C VAL C 332 8.59 17.38 5.12
N LYS C 333 7.74 18.32 5.54
CA LYS C 333 8.15 19.72 5.72
C LYS C 333 7.48 20.22 7.00
N LEU C 334 8.21 20.12 8.11
CA LEU C 334 7.66 20.54 9.38
C LEU C 334 7.66 22.06 9.48
N LYS C 335 6.61 22.62 10.07
CA LYS C 335 6.49 24.04 10.34
C LYS C 335 6.21 24.23 11.82
N THR C 336 6.86 25.22 12.42
CA THR C 336 6.82 25.43 13.86
C THR C 336 6.13 26.76 14.17
N LYS C 337 5.20 26.72 15.11
CA LYS C 337 4.60 27.92 15.67
C LYS C 337 4.95 27.98 17.15
N SER C 338 5.51 29.11 17.59
CA SER C 338 6.12 29.14 18.90
C SER C 338 5.76 30.45 19.60
N ILE C 339 5.78 30.40 20.93
CA ILE C 339 5.63 31.56 21.78
C ILE C 339 6.80 31.58 22.76
N ILE C 340 7.48 32.72 22.84
CA ILE C 340 8.64 32.89 23.72
C ILE C 340 8.43 34.17 24.50
N GLY C 341 8.40 34.07 25.82
CA GLY C 341 8.15 35.21 26.67
C GLY C 341 7.74 34.80 28.07
N TYR C 342 6.64 35.37 28.55
CA TYR C 342 6.13 35.00 29.86
C TYR C 342 5.97 33.48 29.97
N HIS C 343 5.37 32.86 28.96
CA HIS C 343 5.27 31.41 28.87
C HIS C 343 5.84 30.98 27.54
N ASN C 344 6.65 29.92 27.56
CA ASN C 344 7.38 29.47 26.39
C ASN C 344 6.85 28.11 25.93
N GLU C 345 6.68 27.96 24.62
CA GLU C 345 6.17 26.74 24.04
C GLU C 345 6.44 26.69 22.54
N VAL C 346 6.64 25.49 22.00
CA VAL C 346 6.77 25.29 20.56
C VAL C 346 5.78 24.21 20.15
N ARG C 347 5.18 24.36 18.98
CA ARG C 347 4.32 23.33 18.41
C ARG C 347 4.72 23.13 16.96
N ILE C 348 5.18 21.93 16.65
CA ILE C 348 5.72 21.61 15.33
C ILE C 348 4.77 20.63 14.66
N TYR C 349 4.26 21.03 13.49
CA TYR C 349 3.28 20.24 12.77
C TYR C 349 3.70 20.05 11.32
N PRO C 350 3.33 18.93 10.69
CA PRO C 350 3.65 18.76 9.26
C PRO C 350 2.84 19.73 8.41
N VAL C 351 3.38 20.06 7.24
CA VAL C 351 2.70 20.90 6.28
C VAL C 351 2.24 20.04 5.12
N ASP C 352 1.11 20.42 4.52
CA ASP C 352 0.53 19.67 3.40
C ASP C 352 0.30 18.21 3.80
N TYR C 353 -0.13 18.00 5.03
CA TYR C 353 -0.38 16.67 5.57
C TYR C 353 -1.89 16.48 5.72
N ASN C 354 -2.42 15.44 5.09
CA ASN C 354 -3.85 15.18 5.10
C ASN C 354 -4.64 16.39 4.61
N SER C 355 -4.05 17.11 3.67
CA SER C 355 -4.65 18.30 3.09
C SER C 355 -4.97 18.04 1.63
N ALA C 356 -6.26 18.03 1.30
CA ALA C 356 -6.66 17.77 -0.07
C ALA C 356 -6.22 18.94 -0.96
N PRO C 357 -5.90 18.67 -2.22
CA PRO C 357 -5.52 19.76 -3.12
C PRO C 357 -6.66 20.74 -3.32
N ASN C 358 -6.30 21.98 -3.63
CA ASN C 358 -7.20 23.12 -3.83
C ASN C 358 -7.62 23.74 -2.50
N GLU C 359 -7.14 23.23 -1.37
CA GLU C 359 -7.46 23.85 -0.09
C GLU C 359 -6.84 25.24 -0.02
N LYS C 360 -7.57 26.17 0.60
CA LYS C 360 -7.13 27.55 0.73
C LYS C 360 -6.84 27.85 2.20
N PRO C 361 -5.58 28.14 2.57
CA PRO C 361 -5.30 28.46 3.97
C PRO C 361 -5.63 29.90 4.31
N ILE C 362 -6.45 30.11 5.35
CA ILE C 362 -6.85 31.46 5.71
C ILE C 362 -5.64 32.26 6.16
N LYS C 363 -5.61 33.54 5.79
CA LYS C 363 -4.49 34.40 6.13
C LYS C 363 -5.01 35.82 6.33
N ALA C 364 -4.23 36.62 7.06
CA ALA C 364 -4.57 38.00 7.31
C ALA C 364 -3.95 38.88 6.22
N SER C 365 -4.13 40.20 6.35
CA SER C 365 -3.58 41.11 5.35
C SER C 365 -2.07 41.01 5.25
N ASP C 366 -1.40 40.60 6.33
CA ASP C 366 0.04 40.45 6.29
C ASP C 366 0.49 39.32 5.39
N ASN C 367 -0.44 38.47 4.94
CA ASN C 367 -0.23 37.30 4.09
C ASN C 367 0.36 36.14 4.88
N SER C 368 0.57 36.29 6.19
CA SER C 368 1.02 35.17 7.00
C SER C 368 -0.08 34.11 7.08
N ILE C 369 0.35 32.85 7.12
CA ILE C 369 -0.57 31.72 7.12
C ILE C 369 -1.00 31.46 8.56
N LEU C 370 -2.13 32.04 8.97
CA LEU C 370 -2.62 31.82 10.32
C LEU C 370 -3.01 30.35 10.52
N ILE C 371 -3.70 29.76 9.55
CA ILE C 371 -4.14 28.37 9.62
C ILE C 371 -3.57 27.64 8.42
N ASP C 372 -2.55 26.82 8.67
CA ASP C 372 -1.94 26.03 7.61
C ASP C 372 -2.85 24.88 7.20
N THR C 373 -2.67 24.41 5.98
CA THR C 373 -3.48 23.32 5.46
C THR C 373 -3.15 22.02 6.19
N GLY C 374 -4.16 21.18 6.36
CA GLY C 374 -3.98 19.88 6.95
C GLY C 374 -4.40 19.82 8.40
N SER C 375 -3.72 18.93 9.14
CA SER C 375 -4.05 18.74 10.55
C SER C 375 -3.84 20.03 11.34
N PHE C 376 -2.72 20.70 11.10
CA PHE C 376 -2.44 22.01 11.69
C PHE C 376 -2.59 21.98 13.21
N LEU C 377 -1.69 21.27 13.85
CA LEU C 377 -1.55 21.10 15.30
C LEU C 377 -2.55 20.09 15.87
N ASN C 378 -3.47 19.58 15.06
CA ASN C 378 -4.32 18.51 15.56
C ASN C 378 -3.51 17.25 15.82
N THR C 379 -2.50 17.00 14.98
CA THR C 379 -1.52 15.93 15.19
C THR C 379 -0.12 16.53 15.03
N ALA C 380 0.42 17.05 16.13
CA ALA C 380 1.67 17.77 16.11
C ALA C 380 2.40 17.59 17.43
N ILE C 381 3.72 17.76 17.40
CA ILE C 381 4.51 17.61 18.62
C ILE C 381 4.51 18.92 19.38
N THR C 382 4.40 18.82 20.70
CA THR C 382 4.28 19.97 21.60
C THR C 382 5.52 20.02 22.49
N PHE C 383 6.50 20.82 22.09
CA PHE C 383 7.70 21.01 22.90
C PHE C 383 7.41 22.02 24.01
N ASP C 384 7.60 21.58 25.25
CA ASP C 384 7.31 22.38 26.43
C ASP C 384 8.46 22.20 27.42
N SER C 385 8.58 23.14 28.35
CA SER C 385 9.61 23.09 29.38
C SER C 385 11.01 23.11 28.75
N PHE C 386 11.32 24.24 28.12
CA PHE C 386 12.64 24.41 27.52
C PHE C 386 13.74 24.06 28.51
N ALA C 387 13.55 24.43 29.78
CA ALA C 387 14.45 24.05 30.84
C ALA C 387 13.95 24.60 32.17
N GLU C 388 14.62 24.24 33.25
CA GLU C 388 14.36 24.89 34.54
C GLU C 388 15.55 24.60 35.44
N VAL C 389 15.87 25.59 36.28
CA VAL C 389 17.02 25.48 37.18
C VAL C 389 16.50 25.76 38.59
N PRO C 390 17.07 25.15 39.62
CA PRO C 390 16.60 25.44 40.98
C PRO C 390 16.72 26.93 41.28
N ILE C 391 15.75 27.45 42.01
CA ILE C 391 15.70 28.87 42.36
C ILE C 391 15.94 29.00 43.85
N LEU C 392 16.44 30.18 44.25
CA LEU C 392 16.77 30.39 45.64
C LEU C 392 15.54 30.31 46.53
N ILE C 393 14.41 30.86 46.07
CA ILE C 393 13.20 30.88 46.89
C ILE C 393 12.84 29.46 47.30
N ASP C 394 12.70 29.24 48.60
CA ASP C 394 12.37 27.93 49.13
C ASP C 394 10.87 27.72 49.14
N ASN C 395 10.46 26.46 49.31
CA ASN C 395 9.07 26.05 49.32
C ASN C 395 8.36 26.35 48.01
N GLY C 396 9.12 26.59 46.94
CA GLY C 396 8.54 26.83 45.64
C GLY C 396 8.36 25.54 44.86
N LEU C 397 7.12 25.04 44.85
CA LEU C 397 6.86 23.78 44.16
C LEU C 397 7.26 23.88 42.69
N LEU C 398 7.98 22.87 42.22
CA LEU C 398 8.46 22.88 40.84
C LEU C 398 7.29 22.55 39.90
N ALA C 399 6.90 23.54 39.09
CA ALA C 399 5.86 23.30 38.10
C ALA C 399 6.27 22.18 37.16
N GLN C 400 7.57 22.00 36.94
CA GLN C 400 8.05 20.88 36.15
C GLN C 400 7.68 19.56 36.81
N SER C 401 7.74 19.50 38.15
CA SER C 401 7.31 18.29 38.84
C SER C 401 5.85 18.00 38.57
N GLN C 402 4.99 19.02 38.65
CA GLN C 402 3.57 18.81 38.38
C GLN C 402 3.35 18.35 36.95
N GLN C 403 4.05 18.96 35.99
CA GLN C 403 3.92 18.54 34.60
C GLN C 403 4.36 17.09 34.42
N ALA C 404 5.46 16.70 35.06
CA ALA C 404 5.91 15.33 34.98
C ALA C 404 4.87 14.38 35.59
N ASN C 405 4.19 14.81 36.65
CA ASN C 405 3.13 14.00 37.23
C ASN C 405 2.02 13.75 36.21
N LYS C 406 1.66 14.77 35.44
CA LYS C 406 0.68 14.59 34.37
C LYS C 406 1.17 13.54 33.39
N GLN C 407 0.28 12.64 33.01
CA GLN C 407 0.60 11.49 32.18
C GLN C 407 0.30 11.80 30.72
N LYS C 408 1.28 11.55 29.85
CA LYS C 408 1.10 11.72 28.42
C LYS C 408 0.56 10.44 27.80
N ASN C 409 -0.24 10.60 26.75
CA ASN C 409 -0.79 9.48 26.01
C ASN C 409 -0.58 9.70 24.52
N ALA C 410 -0.01 8.71 23.85
CA ALA C 410 0.27 8.79 22.42
C ALA C 410 -0.11 7.48 21.75
N GLN C 411 -0.85 7.56 20.66
CA GLN C 411 -1.21 6.38 19.90
C GLN C 411 0.02 5.77 19.24
N SER C 412 0.00 4.44 19.08
CA SER C 412 1.12 3.70 18.52
C SER C 412 0.77 2.99 17.23
N ASN C 413 -0.39 2.32 17.17
CA ASN C 413 -0.77 1.52 16.02
C ASN C 413 -2.20 1.83 15.62
N LEU C 414 -2.50 1.54 14.35
CA LEU C 414 -3.83 1.75 13.78
C LEU C 414 -4.48 0.39 13.53
N ILE C 415 -5.78 0.30 13.87
CA ILE C 415 -6.53 -0.91 13.57
C ILE C 415 -6.99 -0.89 12.11
N SER C 416 -7.40 -2.05 11.64
CA SER C 416 -7.86 -2.22 10.27
C SER C 416 -9.36 -2.48 10.25
N ASN C 417 -10.04 -1.91 9.25
CA ASN C 417 -11.49 -1.99 9.19
C ASN C 417 -11.97 -3.43 9.02
N ARG C 418 -11.32 -4.19 8.14
CA ARG C 418 -11.86 -5.48 7.72
C ARG C 418 -11.64 -6.59 8.74
N ILE C 419 -11.23 -6.28 9.97
CA ILE C 419 -10.97 -7.33 10.95
C ILE C 419 -12.26 -8.08 11.28
N ASN C 420 -13.31 -7.33 11.63
CA ASN C 420 -14.53 -7.98 12.11
C ASN C 420 -15.20 -8.82 11.03
N ASN C 421 -15.24 -8.32 9.80
CA ASN C 421 -15.92 -8.97 8.70
C ASN C 421 -14.90 -9.39 7.65
N VAL C 422 -14.88 -10.67 7.31
CA VAL C 422 -13.98 -11.23 6.31
C VAL C 422 -14.77 -12.18 5.43
N VAL C 423 -14.64 -12.01 4.11
CA VAL C 423 -15.35 -12.87 3.18
C VAL C 423 -14.54 -14.15 2.93
N ASN C 424 -15.24 -15.22 2.60
CA ASN C 424 -14.64 -16.53 2.36
C ASN C 424 -14.96 -16.97 0.95
N GLY C 425 -13.97 -17.56 0.28
CA GLY C 425 -14.09 -17.98 -1.10
C GLY C 425 -14.72 -19.33 -1.31
N ASN C 426 -15.15 -20.01 -0.25
CA ASN C 426 -15.76 -21.33 -0.42
C ASN C 426 -17.01 -21.25 -1.30
N ASP C 427 -17.71 -20.12 -1.27
CA ASP C 427 -18.90 -19.98 -2.09
C ASP C 427 -18.58 -20.11 -3.57
N LEU C 428 -17.48 -19.49 -4.02
CA LEU C 428 -17.10 -19.60 -5.42
C LEU C 428 -16.78 -21.04 -5.80
N LYS C 429 -16.05 -21.76 -4.93
CA LYS C 429 -15.75 -23.15 -5.22
C LYS C 429 -17.02 -23.98 -5.32
N SER C 430 -17.97 -23.76 -4.40
CA SER C 430 -19.23 -24.50 -4.45
C SER C 430 -19.99 -24.18 -5.73
N ARG C 431 -20.02 -22.91 -6.13
CA ARG C 431 -20.72 -22.54 -7.36
C ARG C 431 -20.08 -23.18 -8.57
N PHE C 432 -18.74 -23.21 -8.63
CA PHE C 432 -18.05 -23.82 -9.76
C PHE C 432 -18.34 -25.31 -9.81
N TYR C 433 -18.29 -25.98 -8.65
CA TYR C 433 -18.60 -27.40 -8.61
C TYR C 433 -20.02 -27.67 -9.09
N ASP C 434 -20.99 -26.87 -8.64
CA ASP C 434 -22.36 -27.06 -9.08
C ASP C 434 -22.50 -26.81 -10.57
N ALA C 435 -21.85 -25.78 -11.09
CA ALA C 435 -21.94 -25.46 -12.51
C ALA C 435 -21.40 -26.61 -13.36
N VAL C 436 -20.25 -27.16 -12.97
CA VAL C 436 -19.67 -28.25 -13.76
C VAL C 436 -20.50 -29.53 -13.61
N SER C 437 -20.97 -29.81 -12.39
CA SER C 437 -21.67 -31.08 -12.16
C SER C 437 -23.03 -31.11 -12.83
N ILE C 438 -23.77 -30.00 -12.78
CA ILE C 438 -25.11 -29.97 -13.38
C ILE C 438 -25.06 -30.23 -14.88
N GLY C 439 -23.88 -30.15 -15.49
CA GLY C 439 -23.76 -30.39 -16.92
C GLY C 439 -23.76 -31.84 -17.32
N SER C 440 -23.85 -32.75 -16.34
CA SER C 440 -23.79 -34.19 -16.61
C SER C 440 -22.47 -34.59 -17.24
N ASN C 441 -21.41 -33.83 -16.96
CA ASN C 441 -20.09 -34.14 -17.52
C ASN C 441 -19.57 -35.43 -16.93
N LEU C 442 -19.09 -36.32 -17.80
CA LEU C 442 -18.60 -37.61 -17.35
C LEU C 442 -17.31 -37.51 -16.56
N SER C 443 -16.67 -36.35 -16.54
CA SER C 443 -15.47 -36.18 -15.74
C SER C 443 -15.84 -36.29 -14.26
N PRO C 444 -14.94 -36.78 -13.41
CA PRO C 444 -15.27 -36.97 -11.99
C PRO C 444 -15.07 -35.68 -11.21
N THR C 445 -15.26 -35.79 -9.89
CA THR C 445 -15.06 -34.64 -9.01
C THR C 445 -13.60 -34.18 -8.99
N ALA C 446 -12.67 -35.02 -9.45
CA ALA C 446 -11.28 -34.60 -9.51
C ALA C 446 -11.09 -33.31 -10.29
N LEU C 447 -12.06 -32.96 -11.16
CA LEU C 447 -12.01 -31.67 -11.83
C LEU C 447 -11.83 -30.54 -10.83
N PHE C 448 -12.68 -30.49 -9.80
CA PHE C 448 -12.57 -29.42 -8.81
C PHE C 448 -11.23 -29.46 -8.11
N SER C 449 -10.58 -30.62 -8.07
CA SER C 449 -9.27 -30.71 -7.43
C SER C 449 -8.24 -29.84 -8.15
N LYS C 450 -8.41 -29.62 -9.45
CA LYS C 450 -7.46 -28.79 -10.19
C LYS C 450 -7.59 -27.33 -9.79
N PHE C 451 -8.65 -26.98 -9.06
CA PHE C 451 -8.84 -25.60 -8.64
C PHE C 451 -7.73 -25.18 -7.69
N ASN C 452 -7.37 -23.89 -7.75
CA ASN C 452 -6.36 -23.31 -6.88
C ASN C 452 -7.00 -22.21 -6.04
N ASP C 453 -6.62 -22.15 -4.76
CA ASP C 453 -7.21 -21.23 -3.81
C ASP C 453 -6.09 -20.47 -3.09
N GLU C 454 -5.63 -19.39 -3.72
CA GLU C 454 -4.76 -18.43 -3.04
C GLU C 454 -5.56 -17.34 -2.35
N TYR C 455 -6.87 -17.31 -2.58
CA TYR C 455 -7.74 -16.29 -2.01
C TYR C 455 -7.67 -16.30 -0.49
N ASN C 456 -7.89 -17.46 0.12
CA ASN C 456 -7.89 -17.56 1.58
C ASN C 456 -6.49 -17.32 2.14
N TYR C 457 -5.46 -17.86 1.48
CA TYR C 457 -4.10 -17.65 1.94
C TYR C 457 -3.78 -16.16 2.01
N TYR C 458 -4.18 -15.42 0.97
CA TYR C 458 -3.77 -14.03 0.86
C TYR C 458 -4.63 -13.13 1.72
N LYS C 459 -5.87 -13.53 2.01
CA LYS C 459 -6.61 -12.86 3.07
C LYS C 459 -5.96 -13.11 4.42
N GLU C 460 -5.43 -14.31 4.63
CA GLU C 460 -4.73 -14.61 5.88
C GLU C 460 -3.50 -13.74 6.04
N LEU C 461 -2.73 -13.56 4.97
CA LEU C 461 -1.46 -12.84 5.08
C LEU C 461 -1.67 -11.38 5.47
N ARG C 462 -2.87 -10.84 5.28
CA ARG C 462 -3.12 -9.43 5.55
C ARG C 462 -2.85 -9.11 7.02
N ALA C 463 -2.30 -7.93 7.27
CA ALA C 463 -1.89 -7.55 8.62
C ALA C 463 -3.08 -7.02 9.41
N GLU C 464 -3.20 -7.48 10.67
CA GLU C 464 -4.30 -7.04 11.51
C GLU C 464 -4.09 -5.60 11.99
N TYR C 465 -2.88 -5.27 12.44
CA TYR C 465 -2.57 -3.96 13.00
C TYR C 465 -1.49 -3.31 12.15
N LYS C 466 -1.73 -2.07 11.72
CA LYS C 466 -0.69 -1.30 11.05
C LYS C 466 0.12 -0.53 12.10
N ASP C 467 1.43 -0.52 11.94
CA ASP C 467 2.34 0.08 12.91
C ASP C 467 2.88 1.39 12.37
N LEU C 468 2.55 2.49 13.05
CA LEU C 468 3.08 3.79 12.65
C LEU C 468 4.55 3.91 13.01
N ALA C 469 4.94 3.35 14.15
CA ALA C 469 6.32 3.42 14.64
C ALA C 469 6.82 2.01 14.91
N LEU C 470 8.13 1.83 14.77
CA LEU C 470 8.72 0.50 14.92
C LEU C 470 8.45 -0.05 16.31
N GLN C 471 8.65 0.77 17.35
CA GLN C 471 8.40 0.38 18.73
C GLN C 471 7.63 1.49 19.41
N PRO C 472 6.83 1.16 20.43
CA PRO C 472 6.00 2.18 21.07
C PRO C 472 6.86 3.29 21.66
N PRO C 473 6.43 4.54 21.57
CA PRO C 473 7.23 5.64 22.10
C PRO C 473 7.16 5.69 23.62
N THR C 474 8.30 5.88 24.26
CA THR C 474 8.34 6.02 25.71
C THR C 474 7.80 7.37 26.13
N VAL C 475 7.02 7.37 27.21
CA VAL C 475 6.42 8.60 27.72
C VAL C 475 6.75 8.76 29.20
N THR C 476 7.85 9.47 29.47
CA THR C 476 8.27 9.78 30.83
C THR C 476 9.02 11.10 30.80
N SER C 477 8.54 12.08 31.56
CA SER C 477 9.12 13.41 31.57
C SER C 477 9.99 13.58 32.81
N SER C 478 11.26 13.91 32.60
CA SER C 478 12.17 14.10 33.71
C SER C 478 11.75 15.33 34.52
N GLN C 479 11.95 15.25 35.84
CA GLN C 479 11.56 16.37 36.70
C GLN C 479 12.32 17.64 36.33
N MET C 480 13.63 17.51 36.06
CA MET C 480 14.39 18.67 35.61
C MET C 480 13.80 19.22 34.31
N GLY C 481 13.34 18.33 33.43
CA GLY C 481 12.73 18.74 32.19
C GLY C 481 13.64 18.50 30.99
N ASN C 482 13.85 19.54 30.20
CA ASN C 482 14.70 19.41 29.02
C ASN C 482 16.16 19.24 29.38
N ALA C 483 16.52 19.53 30.64
CA ALA C 483 17.90 19.54 31.09
C ALA C 483 18.72 18.37 30.53
N PHE C 484 18.17 17.16 30.63
CA PHE C 484 18.95 15.98 30.26
C PHE C 484 19.47 16.08 28.83
N GLN C 485 18.61 16.50 27.90
CA GLN C 485 19.03 16.57 26.51
C GLN C 485 20.19 17.56 26.35
N ILE C 486 20.18 18.64 27.12
CA ILE C 486 21.27 19.61 27.03
C ILE C 486 22.59 18.97 27.45
N ALA C 487 22.53 18.00 28.36
CA ALA C 487 23.76 17.37 28.83
C ALA C 487 24.51 16.70 27.68
N ASN C 488 23.79 16.02 26.80
CA ASN C 488 24.40 15.36 25.65
C ASN C 488 24.33 16.20 24.38
N SER C 489 23.91 17.46 24.48
CA SER C 489 23.84 18.35 23.32
C SER C 489 22.93 17.81 22.24
N ILE C 490 21.83 17.17 22.64
CA ILE C 490 20.82 16.67 21.70
C ILE C 490 19.50 17.38 21.96
N ASN C 491 19.59 18.63 22.40
CA ASN C 491 18.41 19.42 22.74
C ASN C 491 17.72 19.83 21.45
N GLY C 492 16.89 18.95 20.92
CA GLY C 492 16.15 19.23 19.70
C GLY C 492 15.42 18.01 19.17
N LEU C 493 14.55 18.22 18.19
CA LEU C 493 13.82 17.12 17.60
C LEU C 493 14.77 16.18 16.87
N THR C 494 14.44 14.89 16.87
CA THR C 494 15.20 13.91 16.12
C THR C 494 14.26 13.06 15.28
N MET C 495 14.55 12.94 13.99
CA MET C 495 13.76 12.12 13.08
C MET C 495 14.48 10.80 12.85
N LYS C 496 13.75 9.70 12.95
CA LYS C 496 14.27 8.37 12.71
C LYS C 496 13.40 7.66 11.70
N ILE C 497 14.03 6.98 10.75
CA ILE C 497 13.33 6.31 9.65
C ILE C 497 13.45 4.81 9.84
N GLY C 498 12.32 4.13 9.87
CA GLY C 498 12.26 2.68 9.97
C GLY C 498 11.83 2.09 8.63
N VAL C 499 12.63 1.15 8.14
CA VAL C 499 12.42 0.54 6.83
C VAL C 499 12.40 -0.98 7.00
N PRO C 500 11.66 -1.72 6.16
CA PRO C 500 11.70 -3.18 6.26
C PRO C 500 13.03 -3.75 5.83
N ALA C 501 13.31 -4.96 6.31
CA ALA C 501 14.52 -5.67 5.93
C ALA C 501 14.47 -6.03 4.46
N PRO C 502 15.64 -6.22 3.82
CA PRO C 502 15.62 -6.47 2.37
C PRO C 502 14.77 -7.65 1.94
N PHE C 503 14.78 -8.74 2.71
CA PHE C 503 13.98 -9.90 2.33
C PHE C 503 12.48 -9.60 2.45
N ASP C 504 12.08 -8.92 3.53
CA ASP C 504 10.68 -8.53 3.65
C ASP C 504 10.28 -7.56 2.54
N MET C 505 11.21 -6.66 2.16
CA MET C 505 10.93 -5.76 1.05
C MET C 505 10.73 -6.54 -0.23
N ASP C 506 11.56 -7.56 -0.46
CA ASP C 506 11.39 -8.40 -1.64
C ASP C 506 10.04 -9.09 -1.62
N ASN C 507 9.63 -9.62 -0.47
CA ASN C 507 8.34 -10.28 -0.38
C ASN C 507 7.20 -9.31 -0.67
N ILE C 508 7.27 -8.10 -0.13
CA ILE C 508 6.22 -7.12 -0.36
C ILE C 508 6.16 -6.74 -1.84
N GLN C 509 7.32 -6.51 -2.44
CA GLN C 509 7.35 -6.17 -3.86
C GLN C 509 6.75 -7.29 -4.71
N ARG C 510 7.13 -8.54 -4.39
CA ARG C 510 6.58 -9.66 -5.14
C ARG C 510 5.07 -9.73 -4.98
N TYR C 511 4.58 -9.56 -3.75
CA TYR C 511 3.14 -9.60 -3.50
C TYR C 511 2.42 -8.57 -4.36
N TYR C 512 2.85 -7.31 -4.30
CA TYR C 512 2.13 -6.28 -5.02
C TYR C 512 2.25 -6.46 -6.53
N PHE C 513 3.42 -6.85 -7.02
CA PHE C 513 3.57 -7.05 -8.46
C PHE C 513 2.68 -8.18 -8.95
N MET C 514 2.57 -9.26 -8.18
CA MET C 514 1.83 -10.42 -8.64
C MET C 514 0.32 -10.23 -8.49
N LEU C 515 -0.12 -9.45 -7.49
CA LEU C 515 -1.54 -9.37 -7.16
C LEU C 515 -2.15 -8.02 -7.46
N GLY C 516 -1.44 -7.11 -8.11
CA GLY C 516 -2.02 -5.84 -8.44
C GLY C 516 -2.40 -5.07 -7.18
N PHE C 517 -3.26 -4.07 -7.38
CA PHE C 517 -3.69 -3.17 -6.32
C PHE C 517 -5.20 -3.22 -6.18
N GLU C 518 -5.66 -3.40 -4.95
CA GLU C 518 -7.09 -3.51 -4.70
C GLU C 518 -7.80 -2.19 -5.02
N THR C 519 -8.94 -2.29 -5.68
CA THR C 519 -9.76 -1.12 -5.99
C THR C 519 -11.20 -1.60 -6.18
N ASN C 520 -12.04 -1.34 -5.18
CA ASN C 520 -13.42 -1.82 -5.19
C ASN C 520 -14.32 -0.89 -5.99
N ASP C 521 -13.97 -0.71 -7.27
CA ASP C 521 -14.78 0.11 -8.16
C ASP C 521 -16.10 -0.57 -8.44
N GLN C 522 -17.18 0.21 -8.39
CA GLN C 522 -18.53 -0.29 -8.64
C GLN C 522 -18.98 0.18 -10.02
N ALA C 523 -19.50 -0.76 -10.81
CA ALA C 523 -20.01 -0.46 -12.15
C ALA C 523 -18.94 0.22 -13.00
N GLY C 524 -17.71 -0.31 -12.96
CA GLY C 524 -16.62 0.22 -13.74
C GLY C 524 -16.04 -0.82 -14.68
N THR C 525 -15.81 -0.44 -15.92
CA THR C 525 -15.22 -1.38 -16.88
C THR C 525 -13.79 -1.71 -16.44
N PRO C 526 -13.40 -2.98 -16.45
CA PRO C 526 -12.02 -3.32 -16.10
C PRO C 526 -11.05 -2.66 -17.08
N PHE C 527 -9.93 -2.21 -16.54
CA PHE C 527 -8.96 -1.48 -17.34
C PHE C 527 -8.22 -2.44 -18.26
N PRO C 528 -7.60 -1.92 -19.32
CA PRO C 528 -6.93 -2.79 -20.29
C PRO C 528 -6.07 -3.84 -19.61
N ILE C 529 -6.33 -5.11 -19.94
CA ILE C 529 -5.66 -6.21 -19.27
C ILE C 529 -4.16 -6.18 -19.56
N ASP C 530 -3.79 -5.88 -20.81
CA ASP C 530 -2.39 -5.88 -21.21
C ASP C 530 -1.77 -4.51 -20.93
N SER C 531 -1.65 -4.22 -19.64
CA SER C 531 -1.02 -2.97 -19.18
C SER C 531 0.42 -3.18 -18.75
N TRP C 532 0.64 -4.05 -17.78
CA TRP C 532 1.99 -4.32 -17.29
C TRP C 532 2.67 -5.36 -18.17
N THR C 533 4.01 -5.34 -18.14
CA THR C 533 4.76 -6.18 -19.06
C THR C 533 4.50 -7.67 -18.84
N VAL C 534 4.53 -8.10 -17.58
CA VAL C 534 4.56 -9.53 -17.27
C VAL C 534 3.23 -10.02 -16.70
N CYS C 535 2.83 -9.51 -15.55
CA CYS C 535 1.68 -10.04 -14.82
C CYS C 535 0.61 -8.98 -14.67
N ASN C 536 -0.63 -9.35 -15.00
CA ASN C 536 -1.80 -8.48 -14.83
C ASN C 536 -2.90 -9.27 -14.13
N TYR C 537 -2.85 -9.28 -12.80
CA TYR C 537 -3.88 -9.97 -12.03
C TYR C 537 -5.21 -9.22 -12.15
N LEU C 538 -6.30 -9.98 -12.22
CA LEU C 538 -7.62 -9.40 -12.37
C LEU C 538 -8.65 -10.28 -11.68
N ARG C 539 -9.63 -9.65 -11.00
CA ARG C 539 -10.70 -10.37 -10.30
C ARG C 539 -12.02 -9.65 -10.54
N MET C 540 -12.83 -10.17 -11.46
CA MET C 540 -14.09 -9.55 -11.81
C MET C 540 -15.26 -10.29 -11.13
N ARG C 541 -16.37 -9.57 -11.01
CA ARG C 541 -17.61 -10.15 -10.46
C ARG C 541 -18.76 -9.28 -10.98
N GLY C 542 -19.48 -9.78 -11.98
CA GLY C 542 -20.57 -9.03 -12.54
C GLY C 542 -21.29 -9.81 -13.63
N THR C 543 -22.26 -9.14 -14.23
CA THR C 543 -23.03 -9.72 -15.33
C THR C 543 -22.40 -9.31 -16.65
N TYR C 544 -21.80 -10.26 -17.35
CA TYR C 544 -21.19 -9.99 -18.64
C TYR C 544 -21.24 -11.26 -19.47
N THR C 545 -21.13 -11.09 -20.79
CA THR C 545 -21.23 -12.22 -21.73
C THR C 545 -20.33 -11.94 -22.92
N ILE C 546 -19.40 -12.86 -23.18
CA ILE C 546 -18.55 -12.74 -24.36
C ILE C 546 -19.29 -13.28 -25.57
N ASP C 547 -19.15 -12.59 -26.69
CA ASP C 547 -19.89 -12.96 -27.89
C ASP C 547 -19.49 -14.36 -28.35
N GLY C 548 -20.48 -15.12 -28.80
CA GLY C 548 -20.22 -16.45 -29.34
C GLY C 548 -19.59 -17.40 -28.36
N ILE C 549 -20.15 -17.50 -27.16
CA ILE C 549 -19.63 -18.36 -26.11
C ILE C 549 -20.72 -19.31 -25.63
N ASP C 550 -20.35 -20.57 -25.46
CA ASP C 550 -21.28 -21.55 -24.91
C ASP C 550 -21.68 -21.13 -23.50
N PRO C 551 -22.97 -21.12 -23.15
CA PRO C 551 -23.35 -20.61 -21.82
C PRO C 551 -22.66 -21.29 -20.66
N MET C 552 -22.45 -22.61 -20.72
CA MET C 552 -21.79 -23.29 -19.61
C MET C 552 -20.33 -22.86 -19.49
N LEU C 553 -19.64 -22.74 -20.62
CA LEU C 553 -18.28 -22.21 -20.59
C LEU C 553 -18.27 -20.79 -20.05
N LEU C 554 -19.29 -20.00 -20.37
CA LEU C 554 -19.39 -18.66 -19.81
C LEU C 554 -19.52 -18.72 -18.30
N GLU C 555 -20.34 -19.65 -17.78
CA GLU C 555 -20.49 -19.77 -16.34
C GLU C 555 -19.16 -20.16 -15.68
N GLN C 556 -18.45 -21.12 -16.28
CA GLN C 556 -17.16 -21.52 -15.72
C GLN C 556 -16.19 -20.35 -15.72
N LEU C 557 -16.13 -19.60 -16.82
CA LEU C 557 -15.24 -18.45 -16.88
C LEU C 557 -15.62 -17.41 -15.85
N LYS C 558 -16.93 -17.16 -15.68
CA LYS C 558 -17.38 -16.20 -14.69
C LYS C 558 -16.91 -16.59 -13.30
N VAL C 559 -17.14 -17.83 -12.90
CA VAL C 559 -16.72 -18.24 -11.57
C VAL C 559 -15.20 -18.18 -11.43
N LEU C 560 -14.48 -18.64 -12.45
CA LEU C 560 -13.02 -18.65 -12.36
C LEU C 560 -12.48 -17.23 -12.20
N LEU C 561 -13.01 -16.28 -12.97
CA LEU C 561 -12.58 -14.89 -12.80
C LEU C 561 -12.94 -14.37 -11.42
N GLU C 562 -14.13 -14.71 -10.93
CA GLU C 562 -14.50 -14.30 -9.58
C GLU C 562 -13.49 -14.81 -8.57
N THR C 563 -12.95 -16.01 -8.78
CA THR C 563 -11.89 -16.50 -7.90
C THR C 563 -10.62 -15.69 -8.08
N GLY C 564 -10.35 -15.23 -9.31
CA GLY C 564 -9.15 -14.46 -9.59
C GLY C 564 -8.16 -15.24 -10.42
N VAL C 565 -7.84 -14.72 -11.61
CA VAL C 565 -6.96 -15.38 -12.56
C VAL C 565 -5.81 -14.45 -12.88
N ARG C 566 -4.60 -14.99 -12.94
CA ARG C 566 -3.40 -14.22 -13.22
C ARG C 566 -2.92 -14.53 -14.63
N PHE C 567 -2.62 -13.48 -15.39
CA PHE C 567 -2.19 -13.60 -16.78
C PHE C 567 -0.69 -13.37 -16.86
N TRP C 568 0.02 -14.27 -17.54
CA TRP C 568 1.44 -14.11 -17.79
C TRP C 568 1.65 -13.83 -19.27
N HIS C 569 2.24 -12.68 -19.59
CA HIS C 569 2.47 -12.33 -20.98
C HIS C 569 3.58 -13.18 -21.58
N ASN C 570 3.42 -13.50 -22.86
CA ASN C 570 4.39 -14.35 -23.54
C ASN C 570 5.74 -13.64 -23.66
N ASP C 571 6.81 -14.40 -23.47
CA ASP C 571 8.17 -13.89 -23.61
C ASP C 571 8.98 -14.69 -24.63
N GLY C 572 8.32 -15.47 -25.48
CA GLY C 572 9.05 -16.27 -26.45
C GLY C 572 9.98 -17.27 -25.79
N THR C 573 9.52 -17.94 -24.74
CA THR C 573 10.31 -18.91 -24.00
C THR C 573 9.51 -20.20 -23.82
N ASN C 574 10.21 -21.24 -23.38
CA ASN C 574 9.54 -22.52 -23.15
C ASN C 574 8.50 -22.39 -22.05
N ASN C 575 8.81 -21.65 -20.98
CA ASN C 575 7.93 -21.52 -19.82
C ASN C 575 7.76 -20.03 -19.53
N PRO C 576 6.94 -19.33 -20.31
CA PRO C 576 6.70 -17.92 -20.02
C PRO C 576 6.06 -17.68 -18.67
N MET C 577 5.44 -18.71 -18.10
CA MET C 577 4.77 -18.55 -16.81
C MET C 577 5.77 -18.23 -15.71
N ALA C 578 7.03 -18.65 -15.86
CA ALA C 578 8.07 -18.39 -14.88
C ALA C 578 8.97 -17.26 -15.39
N GLN C 579 9.00 -16.15 -14.66
CA GLN C 579 9.81 -15.01 -15.02
C GLN C 579 10.21 -14.27 -13.76
N ASN C 580 11.17 -13.35 -13.91
CA ASN C 580 11.57 -12.50 -12.80
C ASN C 580 10.49 -11.45 -12.59
N VAL C 581 9.68 -11.62 -11.54
CA VAL C 581 8.54 -10.72 -11.35
C VAL C 581 9.00 -9.30 -11.10
N PHE C 582 10.13 -9.14 -10.39
CA PHE C 582 10.58 -7.81 -10.03
C PHE C 582 10.80 -6.93 -11.26
N LYS C 583 11.11 -7.53 -12.40
CA LYS C 583 11.34 -6.77 -13.62
C LYS C 583 10.05 -6.21 -14.22
N ASN C 584 8.89 -6.55 -13.66
CA ASN C 584 7.63 -6.06 -14.19
C ASN C 584 7.63 -4.54 -14.25
N LYS C 585 7.22 -4.00 -15.40
CA LYS C 585 7.25 -2.57 -15.65
C LYS C 585 5.86 -2.10 -16.05
N PHE C 586 5.67 -0.78 -16.07
CA PHE C 586 4.32 -0.24 -16.21
C PHE C 586 3.75 -0.53 -17.61
N ARG C 587 4.37 0.02 -18.64
CA ARG C 587 3.83 -0.13 -19.98
C ARG C 587 3.99 -1.56 -20.46
N LYS C 588 3.00 -2.03 -21.21
CA LYS C 588 3.03 -3.39 -21.75
C LYS C 588 4.29 -3.60 -22.58
#